data_7ALS
#
_entry.id   7ALS
#
_cell.length_a   54.560
_cell.length_b   62.540
_cell.length_c   84.650
_cell.angle_alpha   90.00
_cell.angle_beta   90.00
_cell.angle_gamma   90.00
#
_symmetry.space_group_name_H-M   'P 21 21 21'
#
loop_
_entity.id
_entity.type
_entity.pdbx_description
1 polymer Galectin-8
2 branched beta-D-galactopyranose-(1-4)-beta-D-glucopyranose
3 branched beta-D-galactopyranose-(1-4)-alpha-D-glucopyranose
4 non-polymer 'CHLORIDE ION'
5 water water
#
_entity_poly.entity_id   1
_entity_poly.type   'polypeptide(L)'
_entity_poly.pdbx_seq_one_letter_code
;SLNNLQNIIYNPVIPFVGTIPDQLDPGTLIVIRGHVPSDADRFQVDLQNGSSMKPRADVAFHFNPRFKRAGCIVCNTLIN
EKWGREEITYDTPFKREKSFEIVIMVLKDKFQVAVNGKHTLLYGHRIGPEKIDTLGIYGKVNIHSIGFSFSSDLQ
;
_entity_poly.pdbx_strand_id   A,B
#
# COMPACT_ATOMS: atom_id res chain seq x y z
N ASN A 4 -6.56 12.27 -3.25
CA ASN A 4 -5.30 12.93 -2.74
C ASN A 4 -4.32 13.25 -3.90
N LEU A 5 -4.72 13.07 -5.16
CA LEU A 5 -3.78 12.97 -6.31
C LEU A 5 -3.47 14.36 -6.86
N GLN A 6 -2.19 14.69 -6.92
N GLN A 6 -2.20 14.77 -6.86
CA GLN A 6 -1.62 15.95 -7.44
CA GLN A 6 -1.74 16.02 -7.50
C GLN A 6 -0.80 15.65 -8.71
C GLN A 6 -0.85 15.65 -8.69
N ASN A 7 -1.37 15.95 -9.88
CA ASN A 7 -0.66 15.77 -11.18
C ASN A 7 0.42 16.84 -11.24
N ILE A 8 1.63 16.48 -11.66
CA ILE A 8 2.73 17.42 -11.95
C ILE A 8 2.68 17.87 -13.42
N ILE A 9 1.97 17.11 -14.29
CA ILE A 9 1.92 17.40 -15.74
C ILE A 9 0.75 16.65 -16.43
N TYR A 10 0.17 17.31 -17.42
CA TYR A 10 -0.72 16.68 -18.40
C TYR A 10 -0.15 16.73 -19.82
N ASN A 11 -0.36 15.66 -20.59
CA ASN A 11 0.01 15.54 -22.01
C ASN A 11 1.46 15.98 -22.24
N PRO A 12 2.42 15.43 -21.48
CA PRO A 12 3.77 15.85 -21.71
C PRO A 12 4.37 15.30 -23.01
N VAL A 13 5.23 16.12 -23.65
CA VAL A 13 6.13 15.63 -24.71
C VAL A 13 7.03 14.54 -24.15
N ILE A 14 7.28 13.51 -24.92
CA ILE A 14 8.14 12.38 -24.52
C ILE A 14 9.39 12.52 -25.34
N PRO A 15 10.60 12.40 -24.73
CA PRO A 15 10.78 12.06 -23.33
C PRO A 15 10.47 13.19 -22.35
N PHE A 16 9.89 12.81 -21.21
CA PHE A 16 9.55 13.70 -20.09
C PHE A 16 10.48 13.38 -18.93
N VAL A 17 11.02 14.47 -18.36
CA VAL A 17 11.83 14.32 -17.12
C VAL A 17 11.34 15.41 -16.18
N GLY A 18 10.86 15.01 -15.02
CA GLY A 18 10.37 15.98 -14.02
C GLY A 18 10.76 15.67 -12.62
N THR A 19 10.87 16.76 -11.87
CA THR A 19 11.18 16.68 -10.46
C THR A 19 9.96 16.18 -9.70
N ILE A 20 10.17 15.26 -8.78
CA ILE A 20 9.13 14.78 -7.86
C ILE A 20 9.12 15.73 -6.68
N PRO A 21 7.99 16.40 -6.36
CA PRO A 21 8.03 17.53 -5.41
C PRO A 21 8.05 17.13 -3.94
N ASP A 22 8.00 15.84 -3.61
CA ASP A 22 8.01 15.34 -2.21
C ASP A 22 8.61 13.95 -2.23
N GLN A 23 8.95 13.44 -1.06
CA GLN A 23 9.62 12.16 -0.92
C GLN A 23 8.64 11.00 -1.19
N LEU A 24 9.17 9.94 -1.81
CA LEU A 24 8.40 8.70 -2.04
C LEU A 24 8.42 7.87 -0.76
N ASP A 25 7.65 8.36 0.22
CA ASP A 25 7.46 7.71 1.53
C ASP A 25 6.56 6.47 1.33
N PRO A 26 6.74 5.39 2.10
CA PRO A 26 5.77 4.29 2.05
C PRO A 26 4.33 4.78 2.17
N GLY A 27 3.49 4.27 1.25
CA GLY A 27 2.09 4.70 1.07
C GLY A 27 1.88 5.68 -0.07
N THR A 28 2.97 6.14 -0.69
CA THR A 28 2.89 7.07 -1.81
C THR A 28 2.44 6.30 -3.05
N LEU A 29 1.54 6.94 -3.80
CA LEU A 29 1.11 6.40 -5.10
C LEU A 29 1.64 7.29 -6.21
N ILE A 30 2.01 6.66 -7.31
CA ILE A 30 2.35 7.34 -8.58
C ILE A 30 1.34 6.81 -9.60
N VAL A 31 0.66 7.71 -10.26
CA VAL A 31 -0.40 7.28 -11.21
C VAL A 31 -0.07 7.89 -12.56
N ILE A 32 0.06 7.04 -13.58
CA ILE A 32 0.45 7.44 -14.94
C ILE A 32 -0.61 6.88 -15.89
N ARG A 33 -1.27 7.77 -16.62
CA ARG A 33 -2.30 7.35 -17.60
C ARG A 33 -1.74 7.60 -18.98
N GLY A 34 -1.88 6.68 -19.90
CA GLY A 34 -1.41 6.89 -21.27
C GLY A 34 -1.88 5.86 -22.25
N HIS A 35 -1.20 5.77 -23.37
CA HIS A 35 -1.62 4.92 -24.50
C HIS A 35 -0.39 4.50 -25.30
N VAL A 36 -0.33 3.24 -25.68
CA VAL A 36 0.77 2.65 -26.46
C VAL A 36 0.47 2.83 -27.93
N PRO A 37 1.33 3.51 -28.69
CA PRO A 37 1.15 3.59 -30.14
C PRO A 37 1.19 2.20 -30.80
N SER A 38 0.64 2.09 -32.00
CA SER A 38 0.44 0.80 -32.72
C SER A 38 1.78 0.19 -33.11
N ASP A 39 2.81 1.00 -33.20
CA ASP A 39 4.13 0.51 -33.65
C ASP A 39 5.16 0.62 -32.53
N ALA A 40 4.76 0.64 -31.28
CA ALA A 40 5.72 0.71 -30.16
C ALA A 40 6.55 -0.59 -30.08
N ASP A 41 7.84 -0.46 -29.80
CA ASP A 41 8.66 -1.62 -29.40
C ASP A 41 8.83 -1.63 -27.88
N ARG A 42 8.94 -0.46 -27.26
CA ARG A 42 9.12 -0.42 -25.80
C ARG A 42 8.91 1.01 -25.31
N PHE A 43 8.64 1.14 -24.03
CA PHE A 43 8.74 2.45 -23.34
C PHE A 43 9.17 2.11 -21.93
N GLN A 44 9.56 3.17 -21.20
CA GLN A 44 9.97 2.95 -19.80
C GLN A 44 9.49 4.12 -18.94
N VAL A 45 9.30 3.79 -17.67
CA VAL A 45 9.09 4.71 -16.54
C VAL A 45 10.28 4.46 -15.60
N ASP A 46 11.02 5.54 -15.43
CA ASP A 46 12.24 5.48 -14.59
C ASP A 46 12.12 6.41 -13.38
N LEU A 47 12.36 5.82 -12.21
CA LEU A 47 12.44 6.62 -10.99
C LEU A 47 13.93 6.81 -10.71
N GLN A 48 14.37 8.08 -10.76
CA GLN A 48 15.80 8.42 -10.82
C GLN A 48 16.22 9.22 -9.59
N ASN A 49 17.55 9.15 -9.42
CA ASN A 49 18.26 10.09 -8.52
C ASN A 49 18.83 11.17 -9.43
N GLY A 50 18.14 12.28 -9.55
CA GLY A 50 18.51 13.36 -10.44
C GLY A 50 18.17 13.11 -11.88
N SER A 51 18.60 14.07 -12.70
CA SER A 51 18.36 14.10 -14.14
C SER A 51 19.64 14.20 -14.93
N SER A 52 20.82 13.98 -14.34
CA SER A 52 22.03 14.03 -15.17
C SER A 52 22.01 13.10 -16.38
N MET A 53 22.54 13.56 -17.52
CA MET A 53 22.73 12.77 -18.75
CA MET A 53 22.73 12.72 -18.71
C MET A 53 24.19 12.30 -18.84
N LYS A 54 25.11 13.10 -18.28
CA LYS A 54 26.56 12.86 -18.43
C LYS A 54 27.22 13.09 -17.08
N PRO A 55 27.50 12.04 -16.27
CA PRO A 55 27.08 10.67 -16.51
C PRO A 55 25.59 10.41 -16.22
N ARG A 56 25.07 9.29 -16.60
CA ARG A 56 23.62 9.12 -16.52
C ARG A 56 23.18 8.95 -15.05
N ALA A 57 22.10 9.63 -14.66
CA ALA A 57 21.48 9.47 -13.34
C ALA A 57 21.16 8.00 -13.04
N ASP A 58 21.39 7.63 -11.81
CA ASP A 58 20.94 6.36 -11.25
C ASP A 58 19.41 6.24 -11.46
N VAL A 59 19.06 5.00 -11.75
CA VAL A 59 17.62 4.65 -11.93
C VAL A 59 17.34 3.64 -10.82
N ALA A 60 16.65 4.07 -9.80
CA ALA A 60 16.26 3.18 -8.71
C ALA A 60 15.34 2.10 -9.24
N PHE A 61 14.37 2.51 -10.08
CA PHE A 61 13.31 1.59 -10.60
C PHE A 61 13.12 1.93 -12.07
N HIS A 62 13.50 0.97 -12.90
CA HIS A 62 13.29 1.02 -14.36
C HIS A 62 12.19 -0.01 -14.64
N PHE A 63 11.07 0.53 -15.11
CA PHE A 63 9.86 -0.26 -15.42
C PHE A 63 9.67 -0.22 -16.95
N ASN A 64 9.95 -1.33 -17.63
CA ASN A 64 10.20 -1.28 -19.11
C ASN A 64 9.32 -2.31 -19.81
N PRO A 65 8.06 -1.95 -20.15
CA PRO A 65 7.27 -2.76 -21.06
C PRO A 65 7.90 -2.86 -22.46
N ARG A 66 7.96 -4.10 -22.96
CA ARG A 66 8.50 -4.42 -24.30
C ARG A 66 7.44 -5.25 -25.05
N PHE A 67 7.28 -4.91 -26.30
CA PHE A 67 6.12 -5.36 -27.09
C PHE A 67 6.44 -6.44 -28.11
N LYS A 68 7.69 -6.75 -28.37
CA LYS A 68 8.06 -7.79 -29.35
C LYS A 68 7.63 -9.16 -28.87
N ARG A 69 7.36 -10.06 -29.84
CA ARG A 69 7.01 -11.48 -29.56
C ARG A 69 5.82 -11.47 -28.57
N ALA A 70 5.87 -12.21 -27.48
CA ALA A 70 4.68 -12.33 -26.62
C ALA A 70 4.55 -11.13 -25.65
N GLY A 71 5.51 -10.22 -25.70
CA GLY A 71 5.54 -9.03 -24.80
C GLY A 71 6.06 -9.41 -23.44
N CYS A 72 6.66 -8.45 -22.74
CA CYS A 72 7.07 -8.71 -21.36
C CYS A 72 7.29 -7.34 -20.71
N ILE A 73 7.58 -7.37 -19.43
CA ILE A 73 8.07 -6.17 -18.74
C ILE A 73 9.41 -6.53 -18.11
N VAL A 74 10.40 -5.67 -18.38
CA VAL A 74 11.72 -5.82 -17.73
C VAL A 74 11.82 -4.74 -16.67
N CYS A 75 12.19 -5.14 -15.47
CA CYS A 75 12.49 -4.22 -14.36
C CYS A 75 13.97 -4.38 -13.98
N ASN A 76 14.58 -3.22 -13.62
CA ASN A 76 15.99 -3.28 -13.22
C ASN A 76 16.32 -1.96 -12.53
N THR A 77 17.59 -1.90 -12.12
CA THR A 77 18.21 -0.74 -11.44
C THR A 77 19.54 -0.38 -12.07
N LEU A 78 19.72 0.92 -12.31
CA LEU A 78 21.01 1.42 -12.86
C LEU A 78 21.74 2.19 -11.76
N ILE A 79 22.90 1.67 -11.38
CA ILE A 79 23.77 2.34 -10.36
C ILE A 79 25.12 2.64 -11.01
N ASN A 80 25.52 3.91 -11.01
CA ASN A 80 26.87 4.31 -11.54
C ASN A 80 26.99 3.78 -12.97
N GLU A 81 25.90 3.88 -13.74
CA GLU A 81 25.85 3.61 -15.20
C GLU A 81 25.94 2.11 -15.49
N LYS A 82 25.72 1.25 -14.51
CA LYS A 82 25.70 -0.22 -14.70
C LYS A 82 24.30 -0.72 -14.31
N TRP A 83 23.76 -1.54 -15.21
CA TRP A 83 22.50 -2.26 -14.95
C TRP A 83 22.75 -3.47 -14.04
N GLY A 84 21.80 -3.76 -13.19
CA GLY A 84 21.86 -4.97 -12.35
C GLY A 84 21.08 -6.15 -12.95
N ARG A 85 20.66 -7.04 -12.06
CA ARG A 85 19.91 -8.28 -12.39
C ARG A 85 18.52 -7.89 -12.90
N GLU A 86 18.26 -8.21 -14.17
CA GLU A 86 16.90 -8.07 -14.69
C GLU A 86 15.87 -8.94 -13.96
N GLU A 87 14.73 -8.36 -13.67
CA GLU A 87 13.56 -9.11 -13.19
C GLU A 87 12.53 -9.03 -14.29
N ILE A 88 12.31 -10.15 -14.98
CA ILE A 88 11.40 -10.11 -16.17
C ILE A 88 10.08 -10.71 -15.79
N THR A 89 9.03 -9.93 -16.02
CA THR A 89 7.61 -10.37 -15.89
C THR A 89 7.03 -10.74 -17.26
N TYR A 90 6.57 -11.98 -17.44
CA TYR A 90 6.10 -12.40 -18.78
C TYR A 90 4.59 -12.18 -18.89
N ASP A 91 3.91 -12.05 -17.77
CA ASP A 91 2.45 -11.81 -17.73
CA ASP A 91 2.45 -11.81 -17.76
C ASP A 91 2.29 -10.29 -17.78
N THR A 92 2.12 -9.73 -18.98
CA THR A 92 2.04 -8.28 -19.19
C THR A 92 0.66 -7.88 -19.63
N PRO A 93 0.13 -6.79 -19.10
CA PRO A 93 -1.17 -6.30 -19.55
C PRO A 93 -1.11 -5.33 -20.71
N PHE A 94 0.08 -4.86 -21.11
CA PHE A 94 0.20 -3.79 -22.11
C PHE A 94 0.04 -4.39 -23.50
N LYS A 95 -0.49 -3.58 -24.40
CA LYS A 95 -0.57 -3.94 -25.83
C LYS A 95 -0.46 -2.67 -26.65
N ARG A 96 0.07 -2.85 -27.83
CA ARG A 96 0.02 -1.82 -28.88
C ARG A 96 -1.42 -1.38 -29.09
N GLU A 97 -1.59 -0.07 -29.28
CA GLU A 97 -2.87 0.63 -29.54
C GLU A 97 -3.86 0.40 -28.43
N LYS A 98 -3.42 0.24 -27.23
CA LYS A 98 -4.27 0.13 -26.03
C LYS A 98 -3.84 1.12 -24.95
N SER A 99 -4.84 1.67 -24.29
CA SER A 99 -4.67 2.64 -23.18
C SER A 99 -4.44 1.91 -21.87
N PHE A 100 -3.79 2.62 -20.95
CA PHE A 100 -3.45 2.05 -19.65
C PHE A 100 -3.47 3.13 -18.57
N GLU A 101 -3.61 2.64 -17.35
CA GLU A 101 -3.38 3.39 -16.11
C GLU A 101 -2.45 2.55 -15.23
N ILE A 102 -1.24 3.07 -15.06
CA ILE A 102 -0.24 2.48 -14.15
C ILE A 102 -0.39 3.11 -12.77
N VAL A 103 -0.46 2.27 -11.72
CA VAL A 103 -0.35 2.72 -10.34
C VAL A 103 0.87 2.06 -9.70
N ILE A 104 1.83 2.92 -9.28
CA ILE A 104 3.02 2.43 -8.53
C ILE A 104 2.77 2.76 -7.08
N MET A 105 2.71 1.72 -6.25
CA MET A 105 2.61 1.86 -4.80
CA MET A 105 2.61 1.84 -4.78
C MET A 105 4.01 1.69 -4.19
N VAL A 106 4.36 2.69 -3.42
CA VAL A 106 5.67 2.63 -2.73
C VAL A 106 5.47 2.04 -1.33
N LEU A 107 6.09 0.87 -1.12
CA LEU A 107 6.05 0.22 0.21
C LEU A 107 7.42 0.32 0.89
N LYS A 108 7.48 -0.13 2.14
CA LYS A 108 8.71 -0.04 2.92
C LYS A 108 9.85 -0.74 2.15
N ASP A 109 9.62 -1.95 1.66
CA ASP A 109 10.67 -2.81 1.07
C ASP A 109 10.61 -2.92 -0.47
N LYS A 110 9.54 -2.43 -1.12
CA LYS A 110 9.36 -2.73 -2.54
C LYS A 110 8.39 -1.70 -3.12
N PHE A 111 8.38 -1.69 -4.43
CA PHE A 111 7.28 -1.11 -5.21
C PHE A 111 6.32 -2.22 -5.57
N GLN A 112 5.05 -1.84 -5.67
CA GLN A 112 4.00 -2.72 -6.22
CA GLN A 112 4.02 -2.72 -6.27
C GLN A 112 3.36 -1.97 -7.39
N VAL A 113 3.24 -2.66 -8.51
CA VAL A 113 2.66 -2.02 -9.71
C VAL A 113 1.38 -2.74 -10.08
N ALA A 114 0.35 -1.94 -10.33
CA ALA A 114 -0.94 -2.43 -10.87
C ALA A 114 -1.28 -1.64 -12.12
N VAL A 115 -1.80 -2.34 -13.12
CA VAL A 115 -2.20 -1.69 -14.38
C VAL A 115 -3.68 -1.93 -14.56
N ASN A 116 -4.42 -0.86 -14.83
CA ASN A 116 -5.86 -1.04 -15.14
C ASN A 116 -6.53 -1.75 -13.97
N GLY A 117 -6.09 -1.55 -12.75
CA GLY A 117 -6.72 -2.02 -11.50
C GLY A 117 -6.32 -3.46 -11.13
N LYS A 118 -5.46 -4.08 -11.91
CA LYS A 118 -5.01 -5.47 -11.69
C LYS A 118 -3.52 -5.46 -11.36
N HIS A 119 -3.16 -6.10 -10.24
CA HIS A 119 -1.75 -6.28 -9.88
C HIS A 119 -0.98 -6.84 -11.05
N THR A 120 0.18 -6.22 -11.29
CA THR A 120 1.13 -6.60 -12.36
C THR A 120 2.43 -7.20 -11.80
N LEU A 121 3.13 -6.48 -10.96
CA LEU A 121 4.44 -6.99 -10.48
C LEU A 121 4.82 -6.26 -9.21
N LEU A 122 5.86 -6.80 -8.55
CA LEU A 122 6.57 -6.24 -7.40
C LEU A 122 8.02 -6.08 -7.79
N TYR A 123 8.65 -5.11 -7.16
CA TYR A 123 10.12 -4.91 -7.34
C TYR A 123 10.73 -4.39 -6.06
N GLY A 124 11.57 -5.22 -5.43
CA GLY A 124 12.23 -4.74 -4.18
C GLY A 124 13.18 -3.56 -4.37
N HIS A 125 13.24 -2.72 -3.34
CA HIS A 125 14.16 -1.57 -3.38
C HIS A 125 15.59 -2.09 -3.47
N ARG A 126 16.35 -1.54 -4.41
CA ARG A 126 17.82 -1.71 -4.41
C ARG A 126 18.53 -0.42 -4.08
N ILE A 127 18.03 0.72 -4.44
CA ILE A 127 18.40 2.06 -3.97
C ILE A 127 17.34 2.51 -2.96
N GLY A 128 17.68 3.12 -1.87
CA GLY A 128 16.73 3.63 -0.88
C GLY A 128 15.76 4.55 -1.60
N PRO A 129 14.46 4.37 -1.42
CA PRO A 129 13.54 5.19 -2.20
C PRO A 129 13.59 6.68 -1.83
N GLU A 130 14.21 7.00 -0.70
CA GLU A 130 14.36 8.41 -0.25
C GLU A 130 15.33 9.15 -1.19
N LYS A 131 16.11 8.40 -1.98
CA LYS A 131 17.09 9.01 -2.92
C LYS A 131 16.43 9.38 -4.25
N ILE A 132 15.18 8.93 -4.48
CA ILE A 132 14.48 9.26 -5.75
C ILE A 132 13.91 10.66 -5.71
N ASP A 133 14.25 11.47 -6.71
CA ASP A 133 13.72 12.85 -6.79
C ASP A 133 13.19 13.18 -8.19
N THR A 134 13.26 12.25 -9.12
CA THR A 134 13.05 12.56 -10.54
C THR A 134 12.30 11.38 -11.16
N LEU A 135 11.31 11.71 -12.02
CA LEU A 135 10.61 10.71 -12.83
C LEU A 135 10.89 11.02 -14.31
N GLY A 136 11.27 9.96 -15.05
CA GLY A 136 11.44 10.03 -16.49
C GLY A 136 10.54 9.05 -17.20
N ILE A 137 10.04 9.49 -18.33
CA ILE A 137 9.34 8.58 -19.24
C ILE A 137 9.96 8.72 -20.62
N TYR A 138 10.32 7.57 -21.18
CA TYR A 138 11.11 7.55 -22.44
C TYR A 138 10.49 6.47 -23.35
N GLY A 139 10.70 6.61 -24.65
CA GLY A 139 10.35 5.56 -25.59
C GLY A 139 9.04 5.86 -26.30
N LYS A 140 8.42 4.80 -26.83
CA LYS A 140 7.23 4.97 -27.70
C LYS A 140 5.95 4.83 -26.89
N VAL A 141 5.49 5.95 -26.40
CA VAL A 141 4.31 6.01 -25.50
C VAL A 141 3.71 7.38 -25.51
N ASN A 142 2.39 7.45 -25.44
CA ASN A 142 1.69 8.74 -25.23
CA ASN A 142 1.64 8.71 -25.27
C ASN A 142 1.25 8.79 -23.78
N ILE A 143 1.51 9.88 -23.10
CA ILE A 143 1.18 10.03 -21.69
C ILE A 143 0.14 11.14 -21.55
N HIS A 144 -0.95 10.80 -20.90
CA HIS A 144 -2.01 11.79 -20.58
C HIS A 144 -1.72 12.53 -19.29
N SER A 145 -1.25 11.82 -18.25
CA SER A 145 -1.06 12.50 -16.95
C SER A 145 -0.04 11.71 -16.15
N ILE A 146 0.65 12.44 -15.30
CA ILE A 146 1.58 11.91 -14.26
C ILE A 146 1.24 12.59 -12.93
N GLY A 147 0.79 11.80 -11.97
CA GLY A 147 0.45 12.36 -10.65
C GLY A 147 0.95 11.55 -9.47
N PHE A 148 0.96 12.21 -8.30
CA PHE A 148 1.43 11.60 -7.06
C PHE A 148 0.36 11.81 -5.99
N SER A 149 0.18 10.81 -5.16
CA SER A 149 -0.54 10.90 -3.90
C SER A 149 0.49 10.67 -2.83
N PHE A 150 0.96 11.76 -2.23
CA PHE A 150 2.05 11.65 -1.25
C PHE A 150 1.52 11.24 0.11
N SER A 151 2.22 10.29 0.75
CA SER A 151 1.93 9.88 2.15
C SER A 151 1.83 11.12 3.00
N SER A 152 2.84 12.01 2.91
CA SER A 152 2.99 13.25 3.70
C SER A 152 1.76 14.17 3.63
N ASP A 153 0.93 14.05 2.57
CA ASP A 153 -0.30 14.89 2.38
C ASP A 153 -1.56 14.10 2.76
N ASN B 3 -20.40 -21.78 11.27
CA ASN B 3 -19.68 -20.50 11.37
C ASN B 3 -18.40 -20.57 10.52
N ASN B 4 -18.46 -20.13 9.24
CA ASN B 4 -17.37 -20.44 8.28
C ASN B 4 -16.07 -19.79 8.77
N LEU B 5 -16.00 -19.05 9.90
CA LEU B 5 -14.73 -18.39 10.29
C LEU B 5 -13.78 -19.48 10.77
N GLN B 6 -12.51 -19.11 10.76
CA GLN B 6 -11.36 -19.97 11.11
C GLN B 6 -10.64 -19.40 12.32
N ASN B 7 -10.12 -20.32 13.11
CA ASN B 7 -9.32 -19.99 14.30
C ASN B 7 -10.05 -18.98 15.20
N ILE B 8 -11.29 -19.29 15.51
CA ILE B 8 -12.17 -18.43 16.30
C ILE B 8 -11.76 -18.55 17.78
N ILE B 9 -11.56 -17.40 18.41
CA ILE B 9 -11.22 -17.23 19.86
CA ILE B 9 -11.40 -17.42 19.88
C ILE B 9 -12.34 -16.41 20.49
N TYR B 10 -12.86 -16.83 21.65
CA TYR B 10 -13.85 -16.02 22.35
C TYR B 10 -13.21 -15.38 23.57
N ASN B 11 -13.65 -14.18 23.90
CA ASN B 11 -13.31 -13.48 25.17
CA ASN B 11 -13.33 -13.59 25.22
C ASN B 11 -11.82 -13.55 25.46
N PRO B 12 -10.98 -13.13 24.50
CA PRO B 12 -9.56 -13.06 24.80
C PRO B 12 -9.31 -12.02 25.87
N VAL B 13 -8.24 -12.27 26.61
CA VAL B 13 -7.71 -11.27 27.57
C VAL B 13 -7.12 -10.10 26.79
N ILE B 14 -7.40 -8.87 27.22
CA ILE B 14 -6.85 -7.64 26.63
C ILE B 14 -5.83 -7.03 27.60
N PRO B 15 -4.65 -6.57 27.13
CA PRO B 15 -4.21 -6.60 25.72
C PRO B 15 -3.98 -8.00 25.13
N PHE B 16 -4.35 -8.19 23.85
CA PHE B 16 -4.20 -9.45 23.13
C PHE B 16 -3.11 -9.31 22.07
N VAL B 17 -2.22 -10.30 22.06
CA VAL B 17 -1.15 -10.38 21.03
C VAL B 17 -1.12 -11.81 20.53
N GLY B 18 -1.64 -12.05 19.32
CA GLY B 18 -1.69 -13.43 18.84
C GLY B 18 -1.16 -13.55 17.41
N THR B 19 -0.66 -14.72 17.11
CA THR B 19 -0.19 -15.03 15.76
C THR B 19 -1.41 -15.17 14.85
N ILE B 20 -1.33 -14.57 13.69
CA ILE B 20 -2.40 -14.74 12.67
C ILE B 20 -2.14 -16.06 11.99
N PRO B 21 -3.14 -16.95 11.90
CA PRO B 21 -2.83 -18.32 11.54
C PRO B 21 -2.59 -18.67 10.07
N ASP B 22 -2.66 -17.65 9.21
CA ASP B 22 -2.31 -17.81 7.79
C ASP B 22 -2.00 -16.44 7.24
N GLN B 23 -1.52 -16.41 6.01
CA GLN B 23 -1.15 -15.15 5.35
CA GLN B 23 -1.18 -15.16 5.32
C GLN B 23 -2.40 -14.31 5.01
N LEU B 24 -2.24 -13.02 5.09
CA LEU B 24 -3.29 -12.04 4.75
C LEU B 24 -3.28 -11.82 3.22
N ASP B 25 -3.70 -12.81 2.48
CA ASP B 25 -3.88 -12.73 1.02
C ASP B 25 -5.11 -11.92 0.68
N PRO B 26 -5.17 -11.43 -0.57
CA PRO B 26 -6.36 -10.71 -0.96
C PRO B 26 -7.65 -11.52 -0.74
N GLY B 27 -8.62 -10.82 -0.16
CA GLY B 27 -9.89 -11.43 0.21
C GLY B 27 -9.97 -11.95 1.62
N THR B 28 -8.83 -11.99 2.32
CA THR B 28 -8.83 -12.45 3.69
C THR B 28 -9.64 -11.47 4.54
N LEU B 29 -10.37 -12.04 5.49
CA LEU B 29 -11.09 -11.24 6.50
C LEU B 29 -10.52 -11.47 7.89
N ILE B 30 -10.49 -10.38 8.62
CA ILE B 30 -10.28 -10.45 10.09
C ILE B 30 -11.56 -9.91 10.72
N VAL B 31 -12.19 -10.69 11.56
CA VAL B 31 -13.53 -10.31 12.09
C VAL B 31 -13.40 -10.21 13.63
N ILE B 32 -13.68 -9.04 14.18
CA ILE B 32 -13.46 -8.77 15.61
C ILE B 32 -14.79 -8.24 16.14
N ARG B 33 -15.38 -8.97 17.08
CA ARG B 33 -16.62 -8.47 17.69
C ARG B 33 -16.32 -8.01 19.11
N GLY B 34 -16.92 -6.91 19.54
CA GLY B 34 -16.62 -6.38 20.88
C GLY B 34 -17.52 -5.26 21.26
N HIS B 35 -17.16 -4.52 22.29
CA HIS B 35 -17.94 -3.42 22.87
CA HIS B 35 -17.93 -3.34 22.73
C HIS B 35 -16.98 -2.31 23.34
N VAL B 36 -17.37 -1.08 23.22
CA VAL B 36 -16.58 0.10 23.67
C VAL B 36 -17.04 0.44 25.08
N PRO B 37 -16.13 0.38 26.09
CA PRO B 37 -16.45 0.83 27.46
C PRO B 37 -17.00 2.26 27.49
N SER B 38 -17.84 2.53 28.48
CA SER B 38 -18.54 3.85 28.60
C SER B 38 -17.54 5.02 28.72
N ASP B 39 -16.37 4.76 29.27
CA ASP B 39 -15.34 5.82 29.44
C ASP B 39 -14.13 5.63 28.54
N ALA B 40 -14.22 4.86 27.46
CA ALA B 40 -13.05 4.68 26.61
C ALA B 40 -12.57 6.02 26.10
N ASP B 41 -11.24 6.20 26.12
CA ASP B 41 -10.51 7.27 25.39
CA ASP B 41 -10.71 7.32 25.31
C ASP B 41 -10.21 6.81 23.95
N ARG B 42 -9.69 5.62 23.87
CA ARG B 42 -9.20 5.02 22.60
C ARG B 42 -8.95 3.52 22.77
N PHE B 43 -8.96 2.82 21.64
CA PHE B 43 -8.42 1.45 21.57
C PHE B 43 -7.79 1.35 20.18
N GLN B 44 -7.03 0.26 20.00
CA GLN B 44 -6.45 0.02 18.68
C GLN B 44 -6.41 -1.47 18.35
N VAL B 45 -6.53 -1.69 17.04
CA VAL B 45 -6.29 -3.00 16.42
C VAL B 45 -5.05 -2.78 15.53
N ASP B 46 -4.01 -3.57 15.81
CA ASP B 46 -2.72 -3.39 15.13
C ASP B 46 -2.37 -4.69 14.38
N LEU B 47 -2.10 -4.55 13.12
CA LEU B 47 -1.61 -5.67 12.33
C LEU B 47 -0.10 -5.49 12.23
N GLN B 48 0.62 -6.41 12.86
CA GLN B 48 2.06 -6.23 13.15
C GLN B 48 2.90 -7.25 12.37
N ASN B 49 4.14 -6.85 12.12
CA ASN B 49 5.24 -7.73 11.65
C ASN B 49 5.96 -8.19 12.90
N GLY B 50 5.51 -9.28 13.51
CA GLY B 50 6.09 -9.82 14.72
C GLY B 50 5.46 -9.21 15.97
N SER B 51 6.03 -9.58 17.12
CA SER B 51 5.51 -9.19 18.46
C SER B 51 6.61 -8.61 19.34
N SER B 52 7.75 -8.26 18.77
CA SER B 52 8.84 -7.68 19.59
C SER B 52 8.27 -6.46 20.32
N MET B 53 8.61 -6.31 21.59
CA MET B 53 8.18 -5.09 22.31
C MET B 53 9.33 -4.09 22.32
N LYS B 54 10.57 -4.56 22.42
CA LYS B 54 11.75 -3.65 22.37
C LYS B 54 12.86 -4.35 21.59
N PRO B 55 13.18 -3.90 20.35
CA PRO B 55 12.52 -2.78 19.70
C PRO B 55 11.08 -3.15 19.29
N ARG B 56 10.24 -2.14 19.14
CA ARG B 56 8.81 -2.34 18.85
C ARG B 56 8.62 -2.87 17.43
N ALA B 57 7.93 -4.00 17.30
CA ALA B 57 7.54 -4.54 15.98
C ALA B 57 6.91 -3.44 15.13
N ASP B 58 7.22 -3.50 13.85
CA ASP B 58 6.48 -2.70 12.86
C ASP B 58 4.99 -2.99 12.90
N VAL B 59 4.24 -1.90 12.73
CA VAL B 59 2.77 -2.01 12.67
C VAL B 59 2.35 -1.61 11.25
N ALA B 60 1.99 -2.59 10.42
CA ALA B 60 1.52 -2.31 9.05
C ALA B 60 0.24 -1.45 9.08
N PHE B 61 -0.67 -1.82 9.96
CA PHE B 61 -1.97 -1.16 10.02
C PHE B 61 -2.32 -0.97 11.49
N HIS B 62 -2.32 0.31 11.88
CA HIS B 62 -2.80 0.75 13.21
C HIS B 62 -4.18 1.40 12.98
N PHE B 63 -5.17 0.73 13.52
CA PHE B 63 -6.57 1.15 13.37
C PHE B 63 -6.99 1.60 14.76
N ASN B 64 -7.15 2.91 14.92
CA ASN B 64 -7.18 3.51 16.29
C ASN B 64 -8.39 4.42 16.46
N PRO B 65 -9.56 3.83 16.83
CA PRO B 65 -10.70 4.64 17.22
C PRO B 65 -10.36 5.49 18.45
N ARG B 66 -10.72 6.77 18.37
CA ARG B 66 -10.55 7.75 19.46
C ARG B 66 -11.90 8.38 19.75
N PHE B 67 -12.15 8.61 21.01
CA PHE B 67 -13.52 8.92 21.46
C PHE B 67 -13.68 10.33 22.03
N LYS B 68 -12.60 11.09 22.27
CA LYS B 68 -12.75 12.49 22.71
C LYS B 68 -13.39 13.39 21.63
N ARG B 69 -14.02 14.48 22.07
CA ARG B 69 -14.66 15.45 21.15
C ARG B 69 -15.65 14.67 20.31
N ALA B 70 -15.69 14.94 19.02
CA ALA B 70 -16.68 14.31 18.14
C ALA B 70 -16.26 12.89 17.75
N GLY B 71 -15.09 12.43 18.17
CA GLY B 71 -14.57 11.10 17.84
C GLY B 71 -13.96 11.04 16.47
N CYS B 72 -13.13 10.03 16.26
CA CYS B 72 -12.56 9.82 14.92
C CYS B 72 -11.92 8.43 14.92
N ILE B 73 -11.38 8.05 13.78
CA ILE B 73 -10.49 6.88 13.70
C ILE B 73 -9.17 7.40 13.13
N VAL B 74 -8.09 7.18 13.86
CA VAL B 74 -6.76 7.44 13.26
C VAL B 74 -6.21 6.13 12.71
N CYS B 75 -5.71 6.14 11.50
CA CYS B 75 -4.98 5.02 10.93
C CYS B 75 -3.56 5.48 10.59
N ASN B 76 -2.64 4.57 10.80
CA ASN B 76 -1.22 4.90 10.56
C ASN B 76 -0.44 3.59 10.48
N THR B 77 0.85 3.75 10.23
CA THR B 77 1.83 2.66 10.15
C THR B 77 3.06 3.04 10.95
N LEU B 78 3.64 2.06 11.65
CA LEU B 78 4.89 2.26 12.41
C LEU B 78 5.93 1.42 11.67
N ILE B 79 7.03 2.10 11.31
CA ILE B 79 8.18 1.51 10.59
C ILE B 79 9.42 1.89 11.41
N ASN B 80 10.16 0.89 11.87
CA ASN B 80 11.47 1.11 12.57
C ASN B 80 11.20 2.11 13.69
N GLU B 81 10.11 1.90 14.40
CA GLU B 81 9.71 2.64 15.64
C GLU B 81 9.27 4.09 15.37
N LYS B 82 8.99 4.49 14.13
CA LYS B 82 8.53 5.86 13.80
C LYS B 82 7.15 5.79 13.13
N TRP B 83 6.24 6.63 13.62
CA TRP B 83 4.91 6.77 12.98
C TRP B 83 4.97 7.58 11.66
N GLY B 84 4.20 7.18 10.66
CA GLY B 84 4.00 7.95 9.41
C GLY B 84 2.93 9.01 9.57
N ARG B 85 2.46 9.58 8.47
CA ARG B 85 1.35 10.56 8.39
C ARG B 85 0.06 9.83 8.73
N GLU B 86 -0.66 10.37 9.70
CA GLU B 86 -1.97 9.87 10.12
C GLU B 86 -2.97 10.13 8.98
N GLU B 87 -3.82 9.14 8.77
CA GLU B 87 -5.04 9.26 7.95
C GLU B 87 -6.23 9.21 8.89
N ILE B 88 -6.89 10.35 9.07
CA ILE B 88 -7.96 10.47 10.10
C ILE B 88 -9.32 10.42 9.39
N THR B 89 -10.11 9.47 9.81
CA THR B 89 -11.53 9.31 9.40
C THR B 89 -12.38 9.98 10.48
N TYR B 90 -13.11 11.03 10.09
CA TYR B 90 -13.95 11.81 11.04
C TYR B 90 -15.35 11.19 11.12
N ASP B 91 -15.76 10.44 10.11
CA ASP B 91 -17.07 9.73 10.15
C ASP B 91 -16.83 8.40 10.83
N THR B 92 -16.98 8.38 12.15
CA THR B 92 -16.70 7.15 12.95
C THR B 92 -17.98 6.46 13.40
N PRO B 93 -18.08 5.13 13.19
CA PRO B 93 -19.26 4.37 13.66
C PRO B 93 -19.15 3.96 15.13
N PHE B 94 -17.99 4.21 15.77
CA PHE B 94 -17.82 3.66 17.13
C PHE B 94 -18.41 4.67 18.10
N LYS B 95 -18.90 4.16 19.23
CA LYS B 95 -19.53 4.98 20.28
C LYS B 95 -19.31 4.29 21.61
N ARG B 96 -18.95 5.08 22.63
CA ARG B 96 -18.97 4.57 24.02
C ARG B 96 -20.29 3.80 24.26
N GLU B 97 -20.20 2.68 24.94
CA GLU B 97 -21.31 1.77 25.34
C GLU B 97 -21.96 1.08 24.13
N LYS B 98 -21.40 1.16 22.90
CA LYS B 98 -22.02 0.47 21.76
C LYS B 98 -21.18 -0.75 21.36
N SER B 99 -21.81 -1.88 21.05
CA SER B 99 -21.16 -3.08 20.48
C SER B 99 -20.86 -2.88 18.99
N PHE B 100 -19.83 -3.59 18.54
CA PHE B 100 -19.37 -3.53 17.15
C PHE B 100 -18.96 -4.91 16.64
N GLU B 101 -18.99 -4.99 15.34
CA GLU B 101 -18.32 -6.07 14.61
C GLU B 101 -17.49 -5.37 13.56
N ILE B 102 -16.19 -5.46 13.70
CA ILE B 102 -15.20 -4.95 12.73
C ILE B 102 -14.88 -6.08 11.73
N VAL B 103 -15.01 -5.78 10.45
CA VAL B 103 -14.51 -6.67 9.40
C VAL B 103 -13.44 -5.93 8.66
N ILE B 104 -12.23 -6.43 8.72
CA ILE B 104 -11.10 -5.94 7.90
C ILE B 104 -10.93 -6.89 6.74
N MET B 105 -11.15 -6.37 5.52
CA MET B 105 -10.89 -7.14 4.29
CA MET B 105 -10.90 -7.11 4.29
C MET B 105 -9.52 -6.68 3.76
N VAL B 106 -8.70 -7.66 3.50
CA VAL B 106 -7.37 -7.37 2.98
C VAL B 106 -7.45 -7.43 1.45
N LEU B 107 -7.09 -6.36 0.78
CA LEU B 107 -6.97 -6.34 -0.67
C LEU B 107 -5.49 -6.30 -1.09
N LYS B 108 -5.19 -6.41 -2.35
CA LYS B 108 -3.79 -6.40 -2.81
C LYS B 108 -3.18 -5.04 -2.49
N ASP B 109 -3.95 -3.96 -2.49
CA ASP B 109 -3.38 -2.61 -2.39
C ASP B 109 -3.86 -1.80 -1.18
N LYS B 110 -4.78 -2.36 -0.39
CA LYS B 110 -5.36 -1.61 0.72
C LYS B 110 -6.09 -2.57 1.66
N PHE B 111 -6.44 -2.03 2.81
CA PHE B 111 -7.47 -2.61 3.70
C PHE B 111 -8.77 -1.86 3.50
N GLN B 112 -9.87 -2.62 3.57
N GLN B 112 -9.88 -2.63 3.44
CA GLN B 112 -11.24 -2.07 3.51
CA GLN B 112 -11.25 -2.07 3.52
C GLN B 112 -11.92 -2.50 4.80
C GLN B 112 -11.88 -2.51 4.83
N VAL B 113 -12.34 -1.55 5.62
CA VAL B 113 -12.87 -1.88 6.96
C VAL B 113 -14.36 -1.51 6.97
N ALA B 114 -15.18 -2.42 7.46
CA ALA B 114 -16.61 -2.19 7.70
C ALA B 114 -16.87 -2.45 9.17
N VAL B 115 -17.84 -1.73 9.72
CA VAL B 115 -18.27 -1.89 11.11
C VAL B 115 -19.79 -2.03 11.12
N ASN B 116 -20.24 -3.12 11.72
CA ASN B 116 -21.68 -3.44 11.82
C ASN B 116 -22.27 -3.39 10.42
N GLY B 117 -21.59 -3.91 9.44
CA GLY B 117 -22.12 -4.06 8.08
C GLY B 117 -21.99 -2.83 7.21
N LYS B 118 -21.47 -1.72 7.71
CA LYS B 118 -21.39 -0.44 6.99
C LYS B 118 -19.94 -0.14 6.68
N HIS B 119 -19.62 0.15 5.44
CA HIS B 119 -18.27 0.62 5.03
C HIS B 119 -17.82 1.74 5.97
N THR B 120 -16.61 1.61 6.51
CA THR B 120 -16.08 2.66 7.38
C THR B 120 -14.91 3.40 6.70
N LEU B 121 -13.89 2.69 6.21
CA LEU B 121 -12.73 3.39 5.67
C LEU B 121 -11.84 2.45 4.85
N LEU B 122 -10.98 3.08 4.07
CA LEU B 122 -9.95 2.44 3.23
C LEU B 122 -8.60 2.89 3.78
N TYR B 123 -7.60 2.02 3.74
CA TYR B 123 -6.23 2.40 4.11
C TYR B 123 -5.27 1.70 3.16
N GLY B 124 -4.54 2.50 2.39
CA GLY B 124 -3.63 1.92 1.43
C GLY B 124 -2.42 1.30 2.13
N HIS B 125 -1.90 0.22 1.60
CA HIS B 125 -0.73 -0.43 2.24
C HIS B 125 0.46 0.51 2.24
N ARG B 126 1.22 0.38 3.33
CA ARG B 126 2.55 1.03 3.38
C ARG B 126 3.65 -0.02 3.59
N ILE B 127 3.31 -1.09 4.30
CA ILE B 127 4.10 -2.32 4.38
C ILE B 127 3.37 -3.42 3.62
N GLY B 128 4.05 -4.25 2.91
CA GLY B 128 3.41 -5.37 2.21
C GLY B 128 2.66 -6.24 3.18
N PRO B 129 1.38 -6.56 2.91
CA PRO B 129 0.58 -7.30 3.88
C PRO B 129 1.09 -8.72 4.14
N GLU B 130 1.95 -9.24 3.27
CA GLU B 130 2.55 -10.58 3.48
C GLU B 130 3.52 -10.54 4.67
N LYS B 131 3.94 -9.35 5.12
CA LYS B 131 4.85 -9.20 6.27
C LYS B 131 4.08 -9.30 7.58
N ILE B 132 2.75 -9.26 7.54
CA ILE B 132 1.90 -9.24 8.78
C ILE B 132 1.71 -10.65 9.31
N ASP B 133 2.06 -10.91 10.57
CA ASP B 133 1.87 -12.25 11.16
C ASP B 133 1.26 -12.14 12.56
N THR B 134 0.95 -10.94 13.02
CA THR B 134 0.57 -10.75 14.45
C THR B 134 -0.60 -9.77 14.53
N LEU B 135 -1.61 -10.16 15.32
CA LEU B 135 -2.76 -9.29 15.66
C LEU B 135 -2.56 -8.80 17.11
N GLY B 136 -2.54 -7.48 17.29
CA GLY B 136 -2.53 -6.84 18.62
C GLY B 136 -3.84 -6.09 18.83
N ILE B 137 -4.40 -6.22 20.01
CA ILE B 137 -5.57 -5.37 20.40
C ILE B 137 -5.16 -4.76 21.76
N TYR B 138 -5.21 -3.46 21.82
CA TYR B 138 -4.75 -2.70 23.00
C TYR B 138 -5.80 -1.64 23.33
N GLY B 139 -5.78 -1.18 24.58
CA GLY B 139 -6.52 0.02 25.00
C GLY B 139 -7.87 -0.33 25.65
N LYS B 140 -8.78 0.65 25.63
CA LYS B 140 -10.06 0.53 26.40
C LYS B 140 -11.12 -0.12 25.52
N VAL B 141 -11.19 -1.43 25.54
CA VAL B 141 -12.09 -2.21 24.66
C VAL B 141 -12.34 -3.57 25.27
N ASN B 142 -13.49 -4.10 24.92
N ASN B 142 -13.55 -4.13 25.22
CA ASN B 142 -14.02 -5.41 25.35
CA ASN B 142 -13.77 -5.59 25.51
C ASN B 142 -14.08 -6.26 24.06
C ASN B 142 -13.98 -6.23 24.14
N ILE B 143 -13.42 -7.42 23.96
CA ILE B 143 -13.48 -8.23 22.73
C ILE B 143 -14.21 -9.50 23.04
N HIS B 144 -15.29 -9.72 22.31
CA HIS B 144 -16.13 -10.91 22.42
C HIS B 144 -15.56 -12.06 21.60
N SER B 145 -15.08 -11.78 20.39
CA SER B 145 -14.55 -12.85 19.51
C SER B 145 -13.61 -12.28 18.45
N ILE B 146 -12.69 -13.15 18.04
CA ILE B 146 -11.80 -12.89 16.90
C ILE B 146 -11.87 -14.11 15.98
N GLY B 147 -12.00 -13.92 14.69
CA GLY B 147 -11.83 -15.04 13.77
C GLY B 147 -11.44 -14.53 12.39
N PHE B 148 -11.12 -15.47 11.52
CA PHE B 148 -10.50 -15.13 10.24
C PHE B 148 -11.21 -15.87 9.10
N SER B 149 -11.11 -15.31 7.90
CA SER B 149 -11.56 -16.02 6.70
C SER B 149 -10.43 -15.92 5.70
N PHE B 150 -9.77 -17.01 5.44
CA PHE B 150 -8.52 -16.92 4.63
C PHE B 150 -8.82 -17.16 3.18
N SER B 151 -7.83 -16.77 2.36
N SER B 151 -8.06 -16.58 2.25
CA SER B 151 -7.79 -16.93 0.89
CA SER B 151 -8.32 -16.73 0.80
C SER B 151 -6.43 -17.50 0.45
C SER B 151 -7.43 -17.86 0.24
#